data_4LUV
#
_entry.id   4LUV
#
_cell.length_a   37.971
_cell.length_b   53.528
_cell.length_c   54.046
_cell.angle_alpha   90.00
_cell.angle_beta   90.00
_cell.angle_gamma   90.00
#
_symmetry.space_group_name_H-M   'P 21 21 21'
#
loop_
_entity.id
_entity.type
_entity.pdbx_description
1 polymer 'Replication protein A 70 kDa DNA-binding subunit'
2 non-polymer '5-(3-chloro-4-fluorophenyl)furan-2-carboxylic acid'
3 non-polymer '1-(3-methylphenyl)-5-phenyl-1H-pyrazole-3-carboxylic acid'
4 water water
#
_entity_poly.entity_id   1
_entity_poly.type   'polypeptide(L)'
_entity_poly.pdbx_seq_one_letter_code
;GSHMVGQLSRGAIAAIMQKGDTNIKPILQVINIRPITTGNSPPRYRLLMSDGLNTLSSFMLATQLNPLVEEEQLSSNCVC
QIHRFIVNTLKDGRRVVILMELEVLKSAEAVGVKIGNPVPYNE
;
_entity_poly.pdbx_strand_id   A
#
loop_
_chem_comp.id
_chem_comp.type
_chem_comp.name
_chem_comp.formula
1DZ non-polymer '1-(3-methylphenyl)-5-phenyl-1H-pyrazole-3-carboxylic acid' 'C17 H14 N2 O2'
1XS non-polymer '5-(3-chloro-4-fluorophenyl)furan-2-carboxylic acid' 'C11 H6 Cl F O3'
#
# COMPACT_ATOMS: atom_id res chain seq x y z
N GLY A 1 -13.57 14.38 3.91
CA GLY A 1 -14.13 15.35 4.89
C GLY A 1 -13.21 15.60 6.05
N SER A 2 -13.70 16.33 7.05
N SER A 2 -13.74 16.29 7.07
CA SER A 2 -12.90 16.66 8.22
CA SER A 2 -12.99 16.61 8.27
C SER A 2 -12.44 15.40 8.93
C SER A 2 -12.39 15.36 8.90
N HIS A 3 -11.39 15.54 9.75
CA HIS A 3 -10.79 14.41 10.46
C HIS A 3 -10.26 13.41 9.44
N MET A 4 -9.36 13.85 8.57
CA MET A 4 -8.95 13.02 7.44
C MET A 4 -8.33 11.69 7.86
N VAL A 5 -7.61 11.67 8.98
CA VAL A 5 -6.94 10.44 9.41
C VAL A 5 -7.97 9.37 9.78
N GLY A 6 -9.19 9.80 10.09
CA GLY A 6 -10.28 8.87 10.34
C GLY A 6 -10.67 8.04 9.12
N GLN A 7 -10.18 8.42 7.95
CA GLN A 7 -10.46 7.63 6.75
CA GLN A 7 -10.41 7.66 6.71
C GLN A 7 -9.55 6.41 6.62
N LEU A 8 -8.49 6.35 7.42
CA LEU A 8 -7.48 5.30 7.27
C LEU A 8 -7.51 4.33 8.44
N SER A 9 -7.14 3.09 8.16
CA SER A 9 -7.14 2.03 9.17
C SER A 9 -5.95 2.12 10.11
N ARG A 10 -6.00 3.11 11.01
CA ARG A 10 -4.92 3.32 11.97
C ARG A 10 -4.64 2.04 12.74
N GLY A 11 -3.38 1.62 12.75
CA GLY A 11 -2.96 0.42 13.44
C GLY A 11 -2.85 -0.80 12.53
N ALA A 12 -3.32 -0.71 11.31
CA ALA A 12 -3.27 -1.85 10.40
C ALA A 12 -1.84 -2.28 10.06
N ILE A 13 -0.93 -1.33 9.89
CA ILE A 13 0.44 -1.69 9.56
C ILE A 13 1.08 -2.53 10.67
N ALA A 14 0.94 -2.06 11.90
CA ALA A 14 1.43 -2.82 13.04
C ALA A 14 0.76 -4.19 13.11
N ALA A 15 -0.52 -4.28 12.78
CA ALA A 15 -1.25 -5.53 12.86
C ALA A 15 -0.71 -6.51 11.83
N ILE A 16 -0.50 -6.00 10.61
CA ILE A 16 0.04 -6.82 9.54
C ILE A 16 1.42 -7.33 9.90
N MET A 17 2.27 -6.44 10.42
CA MET A 17 3.65 -6.82 10.70
CA MET A 17 3.65 -6.76 10.74
C MET A 17 3.84 -7.57 12.03
N GLN A 18 2.99 -7.32 13.02
CA GLN A 18 3.16 -7.94 14.36
C GLN A 18 2.36 -9.22 14.51
N LYS A 19 1.14 -9.23 13.96
CA LYS A 19 0.24 -10.38 14.13
C LYS A 19 0.11 -11.21 12.86
N GLY A 20 0.40 -10.60 11.71
CA GLY A 20 0.32 -11.31 10.45
C GLY A 20 -1.11 -11.65 10.07
N ASP A 21 -2.07 -11.03 10.74
CA ASP A 21 -3.48 -11.24 10.44
C ASP A 21 -3.81 -10.78 9.02
N THR A 22 -4.40 -11.67 8.22
CA THR A 22 -4.70 -11.35 6.82
C THR A 22 -6.19 -11.27 6.49
N ASN A 23 -7.04 -11.42 7.50
CA ASN A 23 -8.48 -11.33 7.27
C ASN A 23 -8.95 -9.88 7.22
N ILE A 24 -8.14 -8.98 7.72
CA ILE A 24 -8.47 -7.56 7.69
C ILE A 24 -8.46 -7.05 6.25
N LYS A 25 -9.27 -6.01 6.02
CA LYS A 25 -9.32 -5.33 4.72
C LYS A 25 -9.02 -3.86 4.92
N PRO A 26 -7.76 -3.56 5.28
CA PRO A 26 -7.44 -2.22 5.75
C PRO A 26 -7.48 -1.18 4.65
N ILE A 27 -7.82 0.04 5.06
CA ILE A 27 -7.81 1.18 4.18
C ILE A 27 -6.54 1.99 4.43
N LEU A 28 -5.74 2.13 3.38
CA LEU A 28 -4.42 2.73 3.45
C LEU A 28 -4.28 3.81 2.40
N GLN A 29 -3.36 4.73 2.62
CA GLN A 29 -3.04 5.76 1.63
C GLN A 29 -1.71 5.43 0.97
N VAL A 30 -1.69 5.55 -0.35
CA VAL A 30 -0.42 5.45 -1.08
C VAL A 30 0.34 6.75 -0.91
N ILE A 31 1.56 6.66 -0.41
CA ILE A 31 2.41 7.85 -0.30
C ILE A 31 3.30 7.96 -1.53
N ASN A 32 3.88 6.84 -1.93
CA ASN A 32 4.68 6.84 -3.15
CA ASN A 32 4.77 6.82 -3.09
C ASN A 32 4.73 5.46 -3.77
N ILE A 33 5.00 5.44 -5.06
CA ILE A 33 5.09 4.21 -5.85
CA ILE A 33 5.14 4.19 -5.76
C ILE A 33 6.31 4.32 -6.74
N ARG A 34 7.11 3.27 -6.82
CA ARG A 34 8.19 3.28 -7.80
C ARG A 34 8.47 1.89 -8.29
N PRO A 35 9.01 1.79 -9.52
CA PRO A 35 9.39 0.48 -10.00
C PRO A 35 10.60 -0.01 -9.24
N ILE A 36 10.73 -1.31 -9.10
CA ILE A 36 11.98 -1.86 -8.61
C ILE A 36 12.72 -2.44 -9.79
N THR A 37 14.03 -2.61 -9.64
CA THR A 37 14.85 -3.12 -10.73
C THR A 37 14.42 -4.51 -11.17
N THR A 38 13.96 -4.58 -12.40
CA THR A 38 13.68 -5.84 -13.08
C THR A 38 14.56 -5.84 -14.33
N GLY A 39 14.73 -7.01 -14.94
CA GLY A 39 15.55 -7.12 -16.13
C GLY A 39 14.74 -7.63 -17.30
N ASN A 40 14.33 -8.89 -17.21
CA ASN A 40 13.58 -9.55 -18.27
C ASN A 40 12.32 -10.17 -17.69
N SER A 41 11.60 -9.35 -16.94
CA SER A 41 10.38 -9.76 -16.27
C SER A 41 9.38 -8.64 -16.48
N PRO A 42 8.10 -8.86 -16.14
CA PRO A 42 7.25 -7.67 -16.13
C PRO A 42 7.77 -6.70 -15.09
N PRO A 43 7.47 -5.40 -15.24
CA PRO A 43 7.93 -4.52 -14.16
C PRO A 43 7.25 -4.89 -12.86
N ARG A 44 7.86 -4.48 -11.75
CA ARG A 44 7.29 -4.68 -10.43
CA ARG A 44 7.28 -4.69 -10.43
C ARG A 44 7.33 -3.36 -9.68
N TYR A 45 6.28 -3.09 -8.93
CA TYR A 45 6.16 -1.84 -8.21
C TYR A 45 6.19 -2.02 -6.70
N ARG A 46 6.96 -1.16 -6.05
N ARG A 46 6.96 -1.18 -6.03
CA ARG A 46 7.03 -1.06 -4.60
CA ARG A 46 6.96 -1.13 -4.57
C ARG A 46 6.21 0.16 -4.17
C ARG A 46 6.25 0.15 -4.13
N LEU A 47 5.51 0.03 -3.04
CA LEU A 47 4.70 1.12 -2.52
C LEU A 47 5.08 1.48 -1.09
N LEU A 48 5.18 2.79 -0.87
CA LEU A 48 5.25 3.34 0.48
C LEU A 48 3.81 3.69 0.82
N MET A 49 3.26 2.99 1.81
CA MET A 49 1.87 3.23 2.19
CA MET A 49 1.85 3.10 2.23
C MET A 49 1.76 3.65 3.65
N SER A 50 0.62 4.25 3.96
CA SER A 50 0.34 4.81 5.26
C SER A 50 -0.99 4.32 5.80
N ASP A 51 -1.04 4.06 7.10
CA ASP A 51 -2.31 3.79 7.77
C ASP A 51 -2.73 4.95 8.66
N GLY A 52 -2.06 6.10 8.50
CA GLY A 52 -2.34 7.26 9.33
C GLY A 52 -1.44 7.42 10.55
N LEU A 53 -0.93 6.31 11.08
CA LEU A 53 0.02 6.33 12.19
C LEU A 53 1.41 6.04 11.73
N ASN A 54 1.53 5.02 10.87
CA ASN A 54 2.80 4.58 10.35
C ASN A 54 2.82 4.60 8.83
N THR A 55 4.03 4.72 8.27
CA THR A 55 4.29 4.34 6.89
C THR A 55 5.09 3.05 6.88
N LEU A 56 5.03 2.35 5.76
CA LEU A 56 5.79 1.13 5.55
C LEU A 56 6.13 1.05 4.07
N SER A 57 7.39 0.76 3.76
CA SER A 57 7.86 0.78 2.38
C SER A 57 7.97 -0.61 1.77
N SER A 58 7.58 -1.65 2.51
CA SER A 58 7.80 -3.02 2.06
CA SER A 58 7.79 -3.03 2.11
CA SER A 58 7.80 -3.03 2.08
C SER A 58 6.58 -3.65 1.39
N PHE A 59 5.72 -2.81 0.82
CA PHE A 59 4.60 -3.30 0.03
C PHE A 59 5.04 -3.47 -1.42
N MET A 60 4.62 -4.58 -2.01
CA MET A 60 4.82 -4.83 -3.42
CA MET A 60 4.84 -4.89 -3.42
C MET A 60 3.50 -5.16 -4.09
N LEU A 61 3.32 -4.67 -5.29
CA LEU A 61 2.10 -4.91 -6.02
C LEU A 61 2.22 -6.24 -6.76
N ALA A 62 1.21 -7.11 -6.66
CA ALA A 62 1.13 -8.26 -7.55
C ALA A 62 1.13 -7.75 -8.99
N THR A 63 1.83 -8.45 -9.88
CA THR A 63 1.97 -8.04 -11.26
CA THR A 63 1.96 -7.95 -11.24
C THR A 63 0.61 -7.85 -11.95
N GLN A 64 -0.37 -8.65 -11.54
CA GLN A 64 -1.72 -8.57 -12.12
C GLN A 64 -2.36 -7.20 -11.88
N LEU A 65 -1.86 -6.46 -10.89
CA LEU A 65 -2.37 -5.11 -10.60
C LEU A 65 -1.58 -4.01 -11.30
N ASN A 66 -0.53 -4.37 -12.05
CA ASN A 66 0.27 -3.35 -12.73
C ASN A 66 -0.54 -2.32 -13.55
N PRO A 67 -1.61 -2.77 -14.22
CA PRO A 67 -2.38 -1.79 -15.00
C PRO A 67 -2.93 -0.63 -14.15
N LEU A 68 -3.20 -0.84 -12.87
CA LEU A 68 -3.67 0.25 -12.02
C LEU A 68 -2.66 1.37 -11.93
N VAL A 69 -1.38 1.01 -11.90
CA VAL A 69 -0.31 2.01 -11.83
C VAL A 69 -0.08 2.61 -13.21
N GLU A 70 -0.02 1.76 -14.22
CA GLU A 70 0.33 2.20 -15.56
C GLU A 70 -0.76 3.07 -16.20
N GLU A 71 -2.01 2.90 -15.77
CA GLU A 71 -3.11 3.77 -16.22
C GLU A 71 -3.48 4.85 -15.17
N GLU A 72 -2.68 4.95 -14.12
CA GLU A 72 -2.67 6.07 -13.18
C GLU A 72 -3.86 6.17 -12.22
N GLN A 73 -4.63 5.09 -12.06
CA GLN A 73 -5.70 5.09 -11.05
C GLN A 73 -5.12 4.91 -9.66
N LEU A 74 -3.99 4.21 -9.61
CA LEU A 74 -3.23 4.00 -8.38
CA LEU A 74 -3.24 4.01 -8.38
C LEU A 74 -1.99 4.89 -8.41
N SER A 75 -2.00 5.96 -7.61
CA SER A 75 -0.87 6.87 -7.56
C SER A 75 -0.79 7.57 -6.21
N SER A 76 0.30 8.33 -6.02
CA SER A 76 0.54 9.00 -4.74
CA SER A 76 0.55 9.01 -4.75
C SER A 76 -0.66 9.85 -4.32
N ASN A 77 -1.03 9.65 -3.05
CA ASN A 77 -2.14 10.30 -2.34
C ASN A 77 -3.44 9.54 -2.42
N CYS A 78 -3.59 8.60 -3.34
CA CYS A 78 -4.87 7.90 -3.38
CA CYS A 78 -4.78 7.74 -3.43
C CYS A 78 -5.07 7.05 -2.13
N VAL A 79 -6.36 6.80 -1.84
CA VAL A 79 -6.74 6.00 -0.69
C VAL A 79 -7.38 4.74 -1.23
N CYS A 80 -6.87 3.60 -0.74
CA CYS A 80 -7.33 2.32 -1.23
CA CYS A 80 -7.20 2.27 -1.23
C CYS A 80 -7.61 1.34 -0.10
N GLN A 81 -8.49 0.40 -0.40
CA GLN A 81 -8.82 -0.67 0.52
C GLN A 81 -8.18 -1.94 0.01
N ILE A 82 -7.41 -2.61 0.86
CA ILE A 82 -6.76 -3.85 0.49
C ILE A 82 -7.72 -5.01 0.74
N HIS A 83 -8.04 -5.76 -0.31
CA HIS A 83 -8.98 -6.87 -0.20
C HIS A 83 -8.31 -8.23 -0.07
N ARG A 84 -7.08 -8.34 -0.55
CA ARG A 84 -6.33 -9.58 -0.42
C ARG A 84 -4.85 -9.23 -0.42
N PHE A 85 -4.13 -9.75 0.57
CA PHE A 85 -2.69 -9.60 0.62
C PHE A 85 -2.06 -10.81 1.24
N ILE A 86 -0.77 -10.97 0.97
CA ILE A 86 0.00 -11.99 1.66
C ILE A 86 1.30 -11.41 2.17
N VAL A 87 1.80 -11.99 3.24
CA VAL A 87 3.08 -11.58 3.76
C VAL A 87 4.06 -12.68 3.43
N ASN A 88 5.21 -12.29 2.91
CA ASN A 88 6.31 -13.21 2.68
C ASN A 88 7.54 -12.74 3.40
N THR A 89 8.33 -13.68 3.87
CA THR A 89 9.53 -13.40 4.64
C THR A 89 10.74 -13.90 3.86
N LEU A 90 11.68 -12.99 3.69
CA LEU A 90 12.91 -13.29 2.97
C LEU A 90 13.91 -14.03 3.86
N LYS A 91 14.94 -14.61 3.25
CA LYS A 91 15.89 -15.39 4.01
C LYS A 91 16.59 -14.56 5.09
N ASP A 92 16.72 -13.25 4.86
CA ASP A 92 17.38 -12.39 5.86
C ASP A 92 16.47 -11.92 6.98
N GLY A 93 15.19 -12.31 6.92
CA GLY A 93 14.23 -11.96 7.95
C GLY A 93 13.31 -10.80 7.61
N ARG A 94 13.63 -10.04 6.57
CA ARG A 94 12.77 -8.95 6.17
C ARG A 94 11.45 -9.47 5.63
N ARG A 95 10.39 -8.72 5.88
CA ARG A 95 9.09 -9.08 5.36
C ARG A 95 8.63 -8.16 4.27
N VAL A 96 7.93 -8.76 3.31
CA VAL A 96 7.35 -8.05 2.17
C VAL A 96 5.85 -8.34 2.18
N VAL A 97 5.05 -7.31 1.95
CA VAL A 97 3.61 -7.46 1.91
C VAL A 97 3.17 -7.35 0.46
N ILE A 98 2.66 -8.44 -0.09
CA ILE A 98 2.24 -8.46 -1.49
CA ILE A 98 2.24 -8.47 -1.49
C ILE A 98 0.75 -8.19 -1.59
N LEU A 99 0.41 -7.10 -2.28
CA LEU A 99 -0.96 -6.68 -2.48
C LEU A 99 -1.53 -7.39 -3.71
N MET A 100 -2.55 -8.21 -3.50
CA MET A 100 -3.11 -9.06 -4.55
CA MET A 100 -3.09 -9.05 -4.56
C MET A 100 -4.40 -8.50 -5.14
N GLU A 101 -5.21 -7.92 -4.27
CA GLU A 101 -6.45 -7.26 -4.66
CA GLU A 101 -6.45 -7.27 -4.67
CA GLU A 101 -6.43 -7.24 -4.68
C GLU A 101 -6.62 -5.99 -3.88
N LEU A 102 -6.97 -4.92 -4.56
CA LEU A 102 -7.29 -3.68 -3.88
C LEU A 102 -8.24 -2.87 -4.70
N GLU A 103 -8.92 -1.98 -4.01
CA GLU A 103 -9.87 -1.05 -4.60
CA GLU A 103 -9.81 -1.05 -4.66
CA GLU A 103 -9.82 -1.04 -4.65
C GLU A 103 -9.45 0.39 -4.26
N VAL A 104 -9.42 1.26 -5.25
CA VAL A 104 -9.16 2.66 -4.99
C VAL A 104 -10.47 3.30 -4.55
N LEU A 105 -10.52 3.76 -3.31
CA LEU A 105 -11.72 4.40 -2.78
C LEU A 105 -11.76 5.87 -3.15
N LYS A 106 -10.61 6.52 -3.12
CA LYS A 106 -10.55 7.94 -3.50
C LYS A 106 -9.31 8.16 -4.34
N SER A 107 -9.49 8.78 -5.51
CA SER A 107 -8.37 9.08 -6.39
C SER A 107 -7.39 10.05 -5.74
N ALA A 108 -6.17 10.05 -6.23
CA ALA A 108 -5.15 10.98 -5.77
C ALA A 108 -5.66 12.42 -5.85
N GLU A 109 -6.37 12.74 -6.93
CA GLU A 109 -6.80 14.10 -7.18
C GLU A 109 -7.89 14.52 -6.19
N ALA A 110 -8.63 13.56 -5.68
CA ALA A 110 -9.72 13.82 -4.74
C ALA A 110 -9.23 13.89 -3.29
N VAL A 111 -8.01 13.45 -3.03
CA VAL A 111 -7.44 13.49 -1.69
C VAL A 111 -6.39 14.60 -1.62
N GLY A 112 -5.34 14.47 -2.42
CA GLY A 112 -4.47 15.59 -2.72
C GLY A 112 -3.31 15.88 -1.80
N VAL A 113 -3.27 15.21 -0.66
CA VAL A 113 -2.27 15.48 0.37
C VAL A 113 -2.02 14.20 1.12
N LYS A 114 -0.83 14.08 1.71
CA LYS A 114 -0.55 13.04 2.69
C LYS A 114 -1.39 13.31 3.94
N ILE A 115 -2.18 12.32 4.33
CA ILE A 115 -3.05 12.44 5.49
C ILE A 115 -2.28 12.23 6.79
N GLY A 116 -2.46 13.15 7.74
CA GLY A 116 -1.85 12.97 9.03
C GLY A 116 -0.35 13.16 9.01
N ASN A 117 0.32 12.61 10.01
CA ASN A 117 1.77 12.70 10.13
C ASN A 117 2.33 11.33 10.48
N PRO A 118 2.15 10.36 9.58
CA PRO A 118 2.59 9.00 9.88
C PRO A 118 4.12 8.92 9.95
N VAL A 119 4.63 8.02 10.78
CA VAL A 119 6.08 7.88 10.96
C VAL A 119 6.47 6.48 10.52
N PRO A 120 7.71 6.31 10.06
CA PRO A 120 8.10 4.98 9.59
C PRO A 120 7.97 3.88 10.65
N TYR A 121 7.41 2.75 10.23
CA TYR A 121 7.30 1.58 11.08
C TYR A 121 8.68 0.94 11.17
N ASN A 122 9.07 0.57 12.37
CA ASN A 122 10.37 -0.05 12.60
C ASN A 122 10.23 -1.55 12.70
N GLU A 123 10.71 -2.26 11.66
CA GLU A 123 10.78 -3.72 11.67
C GLU A 123 9.47 -4.38 12.10
O01 1XS B . 4.45 -11.66 -6.29
C02 1XS B . 3.32 -12.15 -6.71
C03 1XS B . 4.90 -12.29 -5.22
C04 1XS B . 2.93 -13.20 -5.86
C05 1XS B . 3.98 -13.28 -4.88
C06 1XS B . 2.59 -11.65 -7.91
C07 1XS B . 6.17 -11.93 -4.53
C08 1XS B . 7.92 -12.34 -2.96
C09 1XS B . 6.74 -12.73 -3.57
C10 1XS B . 8.53 -11.15 -3.32
O11 1XS B . 3.14 -10.79 -8.64
C12 1XS B . 6.78 -10.73 -4.90
C13 1XS B . 7.96 -10.34 -4.29
CL1 1XS B . 8.66 -13.33 -1.74
O15 1XS B . 1.45 -12.10 -8.19
F16 1XS B . 9.65 -10.75 -2.75
H041 1XS B . 2.14 -13.74 -5.92
H051 1XS B . 4.03 -13.89 -4.13
H091 1XS B . 6.32 -13.57 -3.31
H121 1XS B . 6.37 -10.17 -5.58
H131 1XS B . 8.37 -9.50 -4.55
C01 1DZ C . 13.42 -5.42 -3.50
N02 1DZ C . 12.80 -4.46 -2.79
N03 1DZ C . 13.09 -3.27 -3.25
C04 1DZ C . 13.93 -3.36 -4.27
C05 1DZ C . 14.18 -4.74 -4.49
C06 1DZ C . 13.33 -6.90 -3.30
C07 1DZ C . 11.91 -4.65 -1.69
C08 1DZ C . 12.14 -7.50 -2.90
C09 1DZ C . 12.07 -8.86 -2.71
C10 1DZ C . 13.17 -9.66 -2.92
C11 1DZ C . 14.38 -9.07 -3.32
C12 1DZ C . 14.45 -7.70 -3.50
C13 1DZ C . 10.58 -4.32 -1.85
C14 1DZ C . 9.69 -4.48 -0.80
C15 1DZ C . 10.15 -4.98 0.41
C16 1DZ C . 11.49 -5.32 0.57
C17 1DZ C . 12.37 -5.16 -0.49
C18 1DZ C . 11.98 -5.86 1.88
C19 1DZ C . 14.46 -2.20 -5.02
O20 1DZ C . 14.50 -1.08 -4.46
O21 1DZ C . 14.88 -2.32 -6.20
H051 1DZ C . 14.75 -5.14 -5.16
H081 1DZ C . 11.35 -6.94 -2.75
H091 1DZ C . 11.23 -9.26 -2.43
H101 1DZ C . 13.12 -10.62 -2.78
H111 1DZ C . 15.16 -9.63 -3.46
H121 1DZ C . 15.29 -7.29 -3.78
H131 1DZ C . 10.26 -3.96 -2.70
H141 1DZ C . 8.75 -4.25 -0.90
H151 1DZ C . 9.54 -5.10 1.15
H171 1DZ C . 13.31 -5.39 -0.38
H181 1DZ C . 12.95 -5.85 1.88
H183 1DZ C . 11.65 -6.77 1.98
H182 1DZ C . 11.65 -5.30 2.60
#